data_7EPK
#
_entry.id   7EPK
#
_cell.length_a   82.498
_cell.length_b   82.498
_cell.length_c   140.805
_cell.angle_alpha   90.000
_cell.angle_beta   90.000
_cell.angle_gamma   120.000
#
_symmetry.space_group_name_H-M   'P 32 1 2'
#
loop_
_entity.id
_entity.type
_entity.pdbx_description
1 polymer 'Signal recognition particle 54 kDa protein'
2 non-polymer "GUANOSINE-5'-DIPHOSPHATE"
3 non-polymer 'MAGNESIUM ION'
4 water water
#
_entity_poly.entity_id   1
_entity_poly.type   'polypeptide(L)'
_entity_poly.pdbx_seq_one_letter_code
;MMEGVRRAVAKFLRGGGVYEKAVDAFVKDLQRELIKADVNVKLVLNVTRRIKERALKEEPPPGVTRRDWMIKIVYEELVK
LFGGDQEPQVDPPKTPWIVLLVGVQGSGKTTTAGKLAYYYVRRGYKVGLVSSDTHRPGAYEQLKRLAEEAGAMFYGEREG
DPAEIARRGLEDLLSRGAEIVIVDTAGRHGHGEEARLLDEMKAIASKVRPDEVALVIDASIGQKAMGLAERFHKSTPIGS
IIVTKMDGTARGGGALTAAAVTGARIKFIGTGETLGELEPFAPRRFVARILGMGDLESLLERIKSLEEAGELDRAAEDVL
KGRITMRTIYRQLRAMRKLGPLGKVLQMLPGASMLASIDEGALKLGEEKMKRWMAIIESMTYEELDRPEIIDKRRMRRIA
IGSGTSVDDVRELLVYYKNLKTMMKKLKRDKRLLRRLGMEL
;
_entity_poly.pdbx_strand_id   A
#
# COMPACT_ATOMS: atom_id res chain seq x y z
N MET A 2 -12.29 0.81 -14.24
CA MET A 2 -13.29 1.92 -14.18
C MET A 2 -12.58 3.24 -14.50
N GLU A 3 -12.98 3.91 -15.57
CA GLU A 3 -12.21 5.02 -16.21
C GLU A 3 -12.97 6.34 -16.05
N GLY A 4 -14.30 6.29 -16.00
CA GLY A 4 -15.14 7.47 -15.73
C GLY A 4 -14.72 8.17 -14.44
N VAL A 5 -14.33 7.39 -13.44
CA VAL A 5 -13.89 7.87 -12.10
C VAL A 5 -12.70 8.86 -12.24
N ARG A 6 -11.74 8.56 -13.11
CA ARG A 6 -10.64 9.52 -13.42
C ARG A 6 -11.31 10.87 -13.78
N ARG A 7 -12.13 10.91 -14.84
CA ARG A 7 -12.81 12.13 -15.38
C ARG A 7 -13.53 12.88 -14.25
N ALA A 8 -14.27 12.16 -13.40
CA ALA A 8 -14.94 12.69 -12.19
C ALA A 8 -13.92 13.38 -11.28
N VAL A 9 -12.80 12.74 -10.99
CA VAL A 9 -11.79 13.36 -10.08
C VAL A 9 -11.31 14.68 -10.71
N ALA A 10 -11.07 14.67 -12.01
CA ALA A 10 -10.58 15.83 -12.78
C ALA A 10 -11.64 16.94 -12.79
N LYS A 11 -12.91 16.60 -13.04
CA LYS A 11 -14.03 17.58 -12.95
C LYS A 11 -14.02 18.15 -11.53
N PHE A 12 -14.12 17.28 -10.51
CA PHE A 12 -14.16 17.70 -9.08
C PHE A 12 -12.97 18.61 -8.76
N LEU A 13 -11.76 18.21 -9.16
CA LEU A 13 -10.52 18.88 -8.72
C LEU A 13 -10.41 20.27 -9.38
N ARG A 14 -10.92 20.42 -10.61
CA ARG A 14 -10.81 21.65 -11.42
C ARG A 14 -12.22 22.22 -11.64
N GLY A 15 -12.89 21.82 -12.72
CA GLY A 15 -14.22 22.32 -13.14
C GLY A 15 -15.09 22.81 -11.99
N GLY A 16 -14.90 24.06 -11.58
CA GLY A 16 -15.31 24.63 -10.27
C GLY A 16 -16.82 24.64 -10.06
N GLY A 17 -17.40 25.84 -9.86
CA GLY A 17 -18.79 26.01 -9.41
C GLY A 17 -18.91 25.85 -7.90
N VAL A 18 -20.13 25.76 -7.36
CA VAL A 18 -20.36 25.67 -5.88
C VAL A 18 -19.64 24.40 -5.38
N TYR A 19 -18.79 24.51 -4.36
CA TYR A 19 -18.05 23.39 -3.74
C TYR A 19 -18.96 22.19 -3.47
N GLU A 20 -19.99 22.37 -2.64
CA GLU A 20 -20.77 21.23 -2.11
C GLU A 20 -21.51 20.59 -3.28
N LYS A 21 -21.85 21.34 -4.34
CA LYS A 21 -22.54 20.76 -5.52
C LYS A 21 -21.56 19.87 -6.29
N ALA A 22 -20.26 20.18 -6.21
CA ALA A 22 -19.19 19.43 -6.90
C ALA A 22 -19.00 18.08 -6.17
N VAL A 23 -19.14 18.04 -4.84
CA VAL A 23 -18.87 16.84 -4.01
C VAL A 23 -20.09 15.90 -4.06
N ASP A 24 -21.33 16.40 -3.96
CA ASP A 24 -22.56 15.61 -4.16
C ASP A 24 -22.51 14.92 -5.53
N ALA A 25 -22.02 15.65 -6.53
CA ALA A 25 -21.95 15.19 -7.94
C ALA A 25 -20.81 14.17 -8.08
N PHE A 26 -19.76 14.35 -7.31
CA PHE A 26 -18.56 13.50 -7.38
C PHE A 26 -18.92 12.20 -6.69
N VAL A 27 -19.53 12.25 -5.50
CA VAL A 27 -20.00 11.04 -4.78
C VAL A 27 -20.96 10.28 -5.70
N LYS A 28 -21.90 10.99 -6.33
CA LYS A 28 -22.87 10.42 -7.30
C LYS A 28 -22.09 9.67 -8.40
N ASP A 29 -21.16 10.33 -9.09
CA ASP A 29 -20.36 9.75 -10.21
C ASP A 29 -19.65 8.49 -9.71
N LEU A 30 -18.85 8.63 -8.66
CA LEU A 30 -18.09 7.53 -8.00
C LEU A 30 -19.01 6.34 -7.75
N GLN A 31 -20.20 6.57 -7.18
CA GLN A 31 -21.15 5.48 -6.81
C GLN A 31 -21.55 4.75 -8.09
N ARG A 32 -21.96 5.50 -9.11
CA ARG A 32 -22.35 4.95 -10.43
C ARG A 32 -21.17 4.13 -10.96
N GLU A 33 -19.95 4.64 -10.79
CA GLU A 33 -18.74 4.04 -11.40
C GLU A 33 -18.46 2.71 -10.71
N LEU A 34 -18.62 2.63 -9.38
CA LEU A 34 -18.34 1.39 -8.62
C LEU A 34 -19.37 0.35 -9.05
N ILE A 35 -20.66 0.68 -9.00
CA ILE A 35 -21.76 -0.23 -9.43
C ILE A 35 -21.48 -0.79 -10.84
N LYS A 36 -21.15 0.06 -11.82
CA LYS A 36 -20.80 -0.38 -13.21
C LYS A 36 -19.71 -1.45 -13.17
N ALA A 37 -18.81 -1.41 -12.18
CA ALA A 37 -17.77 -2.43 -11.90
C ALA A 37 -18.29 -3.46 -10.88
N ASP A 38 -19.60 -3.45 -10.62
CA ASP A 38 -20.39 -4.45 -9.83
C ASP A 38 -20.16 -4.18 -8.34
N VAL A 39 -18.98 -4.52 -7.86
CA VAL A 39 -18.54 -4.26 -6.46
C VAL A 39 -19.54 -4.86 -5.50
N ASN A 40 -20.68 -4.20 -5.26
CA ASN A 40 -21.72 -4.67 -4.32
C ASN A 40 -22.34 -3.45 -3.67
N VAL A 41 -23.60 -3.17 -3.98
CA VAL A 41 -24.37 -2.02 -3.44
C VAL A 41 -24.00 -1.83 -1.97
N LYS A 42 -24.05 -2.89 -1.15
CA LYS A 42 -23.78 -2.79 0.32
C LYS A 42 -22.34 -2.27 0.54
N LEU A 43 -21.40 -2.74 -0.27
CA LEU A 43 -19.97 -2.33 -0.14
C LEU A 43 -19.81 -0.89 -0.64
N VAL A 44 -20.68 -0.46 -1.57
CA VAL A 44 -20.68 0.93 -2.13
C VAL A 44 -21.36 1.90 -1.15
N LEU A 45 -22.39 1.49 -0.42
CA LEU A 45 -23.09 2.40 0.53
C LEU A 45 -22.24 2.51 1.80
N ASN A 46 -21.36 1.55 2.04
CA ASN A 46 -20.41 1.55 3.19
C ASN A 46 -19.28 2.56 2.92
N VAL A 47 -18.74 2.59 1.70
CA VAL A 47 -17.53 3.41 1.43
C VAL A 47 -17.95 4.88 1.51
N THR A 48 -19.14 5.21 0.99
CA THR A 48 -19.71 6.58 0.99
C THR A 48 -20.02 7.02 2.43
N ARG A 49 -20.41 6.11 3.32
CA ARG A 49 -20.68 6.46 4.74
C ARG A 49 -19.35 6.66 5.46
N ARG A 50 -18.32 5.87 5.14
CA ARG A 50 -16.97 6.06 5.73
C ARG A 50 -16.49 7.45 5.32
N ILE A 51 -16.65 7.79 4.05
CA ILE A 51 -16.30 9.14 3.52
C ILE A 51 -17.12 10.23 4.21
N LYS A 52 -18.46 10.11 4.31
CA LYS A 52 -19.28 11.15 5.01
C LYS A 52 -18.76 11.37 6.43
N GLU A 53 -18.66 10.32 7.24
CA GLU A 53 -18.22 10.41 8.66
C GLU A 53 -16.94 11.24 8.73
N ARG A 54 -15.94 10.95 7.89
CA ARG A 54 -14.64 11.66 7.96
C ARG A 54 -14.86 13.12 7.58
N ALA A 55 -15.65 13.40 6.52
CA ALA A 55 -15.98 14.77 6.06
C ALA A 55 -16.67 15.59 7.17
N LEU A 56 -17.35 14.94 8.11
CA LEU A 56 -18.08 15.62 9.20
C LEU A 56 -17.16 15.88 10.39
N LYS A 57 -16.19 15.00 10.62
CA LYS A 57 -15.34 14.99 11.85
C LYS A 57 -14.00 15.71 11.56
N GLU A 58 -13.52 15.58 10.34
CA GLU A 58 -12.22 16.09 9.89
C GLU A 58 -12.45 17.32 9.01
N GLU A 59 -11.54 18.28 9.09
CA GLU A 59 -11.53 19.53 8.30
C GLU A 59 -10.14 19.67 7.70
N PRO A 60 -10.01 20.24 6.50
CA PRO A 60 -8.69 20.40 5.90
C PRO A 60 -7.69 21.08 6.83
N PRO A 61 -6.46 20.56 7.04
CA PRO A 61 -5.46 21.26 7.85
C PRO A 61 -5.15 22.67 7.34
N PRO A 62 -4.68 23.60 8.23
CA PRO A 62 -4.44 24.99 7.86
C PRO A 62 -3.76 25.08 6.49
N GLY A 63 -4.45 25.66 5.51
CA GLY A 63 -3.88 25.96 4.18
C GLY A 63 -4.41 25.04 3.08
N VAL A 64 -4.73 23.78 3.41
CA VAL A 64 -5.15 22.76 2.39
C VAL A 64 -6.54 23.13 1.87
N THR A 65 -6.72 23.12 0.55
CA THR A 65 -8.03 23.36 -0.10
C THR A 65 -9.02 22.26 0.30
N ARG A 66 -10.28 22.64 0.51
CA ARG A 66 -11.49 21.77 0.65
C ARG A 66 -11.46 20.55 -0.30
N ARG A 67 -11.18 20.75 -1.59
CA ARG A 67 -11.25 19.68 -2.60
C ARG A 67 -10.09 18.71 -2.38
N ASP A 68 -8.87 19.25 -2.26
CA ASP A 68 -7.65 18.40 -2.06
C ASP A 68 -7.92 17.49 -0.85
N TRP A 69 -8.57 17.99 0.19
CA TRP A 69 -8.78 17.22 1.44
C TRP A 69 -9.83 16.14 1.21
N MET A 70 -10.73 16.36 0.28
CA MET A 70 -11.89 15.45 0.09
C MET A 70 -11.38 14.26 -0.74
N ILE A 71 -10.57 14.50 -1.76
CA ILE A 71 -9.98 13.41 -2.58
C ILE A 71 -9.06 12.57 -1.69
N LYS A 72 -8.32 13.20 -0.80
CA LYS A 72 -7.41 12.51 0.16
C LYS A 72 -8.25 11.58 1.04
N ILE A 73 -9.50 11.93 1.30
CA ILE A 73 -10.45 11.10 2.11
C ILE A 73 -11.06 10.02 1.21
N VAL A 74 -11.34 10.31 -0.06
CA VAL A 74 -11.98 9.34 -1.00
C VAL A 74 -10.97 8.21 -1.24
N TYR A 75 -9.76 8.56 -1.70
CA TYR A 75 -8.59 7.66 -1.82
C TYR A 75 -8.51 6.80 -0.56
N GLU A 76 -8.19 7.38 0.59
CA GLU A 76 -7.81 6.57 1.78
C GLU A 76 -8.90 5.52 2.02
N GLU A 77 -10.17 5.88 1.82
CA GLU A 77 -11.31 5.00 2.20
C GLU A 77 -11.58 3.98 1.09
N LEU A 78 -11.29 4.32 -0.16
CA LEU A 78 -11.32 3.38 -1.32
C LEU A 78 -10.20 2.35 -1.11
N VAL A 79 -9.09 2.78 -0.53
CA VAL A 79 -7.95 1.89 -0.25
C VAL A 79 -8.45 0.80 0.73
N LYS A 80 -9.14 1.23 1.80
CA LYS A 80 -9.72 0.32 2.83
C LYS A 80 -10.72 -0.64 2.16
N LEU A 81 -11.52 -0.12 1.23
CA LEU A 81 -12.60 -0.89 0.54
C LEU A 81 -11.97 -2.03 -0.26
N PHE A 82 -10.79 -1.80 -0.83
CA PHE A 82 -10.04 -2.75 -1.67
C PHE A 82 -9.01 -3.49 -0.80
N GLY A 83 -9.34 -3.68 0.50
CA GLY A 83 -8.53 -4.36 1.51
C GLY A 83 -7.47 -3.42 2.08
N GLY A 84 -6.30 -3.39 1.43
CA GLY A 84 -5.30 -2.32 1.49
C GLY A 84 -4.95 -1.85 2.89
N ASP A 85 -5.11 -2.73 3.89
CA ASP A 85 -4.82 -2.46 5.34
C ASP A 85 -3.29 -2.39 5.52
N GLN A 86 -2.56 -2.28 4.40
CA GLN A 86 -1.08 -2.42 4.27
C GLN A 86 -0.64 -3.85 4.64
N GLU A 87 -0.75 -4.75 3.66
CA GLU A 87 -0.44 -6.21 3.76
C GLU A 87 -0.19 -6.76 2.36
N PRO A 88 0.84 -6.30 1.62
CA PRO A 88 1.17 -6.90 0.32
C PRO A 88 1.56 -8.39 0.45
N GLN A 89 2.57 -8.70 1.28
CA GLN A 89 3.12 -10.06 1.58
C GLN A 89 3.39 -10.82 0.28
N VAL A 90 4.37 -10.38 -0.51
CA VAL A 90 4.66 -10.99 -1.83
C VAL A 90 5.57 -12.22 -1.64
N ASP A 91 6.50 -12.19 -0.70
CA ASP A 91 7.43 -13.31 -0.39
C ASP A 91 6.77 -14.17 0.68
N PRO A 92 6.87 -15.52 0.61
CA PRO A 92 6.35 -16.39 1.65
C PRO A 92 7.19 -16.21 2.90
N PRO A 93 6.63 -16.36 4.11
CA PRO A 93 7.37 -16.12 5.34
C PRO A 93 8.25 -17.28 5.76
N LYS A 94 8.26 -18.40 5.03
CA LYS A 94 8.95 -19.64 5.49
C LYS A 94 9.42 -20.52 4.31
N THR A 95 10.45 -21.31 4.66
CA THR A 95 11.47 -22.01 3.82
C THR A 95 10.78 -22.69 2.66
N PRO A 96 10.12 -23.89 2.83
CA PRO A 96 9.30 -24.51 1.79
C PRO A 96 7.85 -24.05 1.92
N TRP A 97 7.30 -23.52 0.83
CA TRP A 97 5.96 -22.90 0.80
C TRP A 97 5.08 -23.59 -0.24
N ILE A 98 4.11 -24.40 0.23
CA ILE A 98 3.24 -25.21 -0.67
C ILE A 98 1.94 -24.44 -0.96
N VAL A 99 1.69 -24.16 -2.25
CA VAL A 99 0.51 -23.38 -2.72
C VAL A 99 -0.46 -24.29 -3.46
N LEU A 100 -1.63 -24.56 -2.89
CA LEU A 100 -2.71 -25.28 -3.62
C LEU A 100 -3.62 -24.27 -4.32
N LEU A 101 -3.60 -24.28 -5.65
CA LEU A 101 -4.61 -23.56 -6.48
C LEU A 101 -6.00 -24.26 -6.40
N VAL A 102 -7.07 -23.48 -6.34
CA VAL A 102 -8.46 -24.02 -6.39
C VAL A 102 -9.27 -23.00 -7.18
N GLY A 103 -10.44 -23.41 -7.67
CA GLY A 103 -11.23 -22.64 -8.66
C GLY A 103 -11.86 -23.55 -9.69
N VAL A 104 -12.82 -23.02 -10.46
CA VAL A 104 -13.56 -23.70 -11.55
C VAL A 104 -12.83 -23.50 -12.87
N GLN A 105 -12.98 -24.50 -13.75
CA GLN A 105 -12.28 -24.59 -15.05
C GLN A 105 -12.60 -23.32 -15.83
N GLY A 106 -11.64 -22.87 -16.65
CA GLY A 106 -11.82 -21.70 -17.53
C GLY A 106 -11.35 -20.40 -16.88
N SER A 107 -11.30 -20.30 -15.55
CA SER A 107 -11.07 -19.02 -14.82
C SER A 107 -9.65 -18.49 -15.06
N GLY A 108 -8.67 -19.39 -15.27
CA GLY A 108 -7.27 -19.06 -15.59
C GLY A 108 -6.26 -19.71 -14.64
N LYS A 109 -6.63 -20.82 -13.99
CA LYS A 109 -5.89 -21.48 -12.89
C LYS A 109 -4.50 -21.90 -13.37
N THR A 110 -4.42 -22.71 -14.44
CA THR A 110 -3.16 -23.26 -15.02
C THR A 110 -2.29 -22.11 -15.56
N THR A 111 -2.87 -21.20 -16.32
CA THR A 111 -2.22 -19.94 -16.71
C THR A 111 -1.67 -19.21 -15.44
N THR A 112 -2.49 -19.07 -14.40
CA THR A 112 -2.10 -18.38 -13.14
C THR A 112 -0.95 -19.15 -12.48
N ALA A 113 -0.99 -20.48 -12.50
CA ALA A 113 0.10 -21.36 -12.00
C ALA A 113 1.41 -20.98 -12.69
N GLY A 114 1.43 -20.95 -14.02
CA GLY A 114 2.61 -20.54 -14.83
C GLY A 114 3.07 -19.14 -14.46
N LYS A 115 2.12 -18.17 -14.49
CA LYS A 115 2.39 -16.73 -14.27
C LYS A 115 3.00 -16.58 -12.88
N LEU A 116 2.46 -17.35 -11.94
CA LEU A 116 2.87 -17.33 -10.50
C LEU A 116 4.25 -17.96 -10.34
N ALA A 117 4.53 -19.05 -11.07
CA ALA A 117 5.86 -19.74 -11.05
C ALA A 117 6.95 -18.77 -11.53
N TYR A 118 6.78 -18.20 -12.73
CA TYR A 118 7.72 -17.19 -13.28
C TYR A 118 8.04 -16.17 -12.21
N TYR A 119 6.99 -15.53 -11.70
CA TYR A 119 7.06 -14.37 -10.79
C TYR A 119 8.05 -14.69 -9.67
N TYR A 120 7.94 -15.88 -9.09
CA TYR A 120 8.76 -16.26 -7.92
C TYR A 120 10.17 -16.68 -8.39
N VAL A 121 10.28 -17.25 -9.60
CA VAL A 121 11.59 -17.65 -10.18
C VAL A 121 12.45 -16.38 -10.27
N ARG A 122 11.96 -15.34 -10.96
CA ARG A 122 12.63 -14.02 -11.16
C ARG A 122 13.05 -13.40 -9.82
N ARG A 123 12.27 -13.57 -8.75
CA ARG A 123 12.63 -13.09 -7.39
C ARG A 123 13.62 -14.05 -6.71
N GLY A 124 14.21 -14.96 -7.49
CA GLY A 124 15.34 -15.82 -7.08
C GLY A 124 14.90 -17.00 -6.22
N TYR A 125 13.66 -17.46 -6.41
CA TYR A 125 13.14 -18.65 -5.71
C TYR A 125 13.30 -19.84 -6.67
N LYS A 126 13.68 -21.01 -6.14
CA LYS A 126 13.63 -22.34 -6.84
C LYS A 126 12.18 -22.85 -6.84
N VAL A 127 11.50 -22.75 -7.97
CA VAL A 127 10.04 -23.03 -8.11
C VAL A 127 9.82 -24.34 -8.86
N GLY A 128 8.98 -25.23 -8.31
CA GLY A 128 8.36 -26.36 -9.06
C GLY A 128 6.85 -26.18 -9.20
N LEU A 129 6.29 -26.60 -10.35
CA LEU A 129 4.81 -26.78 -10.59
C LEU A 129 4.47 -28.28 -10.53
N VAL A 130 3.21 -28.61 -10.25
CA VAL A 130 2.70 -30.00 -10.15
C VAL A 130 1.36 -30.06 -10.90
N SER A 131 1.26 -30.90 -11.93
CA SER A 131 -0.03 -31.17 -12.64
C SER A 131 -0.79 -32.29 -11.90
N SER A 132 -1.81 -31.92 -11.14
CA SER A 132 -2.73 -32.87 -10.46
C SER A 132 -3.97 -33.07 -11.33
N ASP A 133 -4.29 -32.10 -12.20
CA ASP A 133 -5.51 -32.12 -13.04
C ASP A 133 -5.50 -33.40 -13.87
N THR A 134 -6.60 -34.16 -13.77
CA THR A 134 -6.73 -35.56 -14.26
C THR A 134 -7.83 -35.62 -15.35
N HIS A 135 -8.76 -34.65 -15.34
CA HIS A 135 -10.08 -34.67 -16.02
C HIS A 135 -10.05 -33.88 -17.32
N ARG A 136 -9.41 -32.71 -17.30
CA ARG A 136 -9.20 -31.89 -18.51
C ARG A 136 -8.10 -32.57 -19.31
N PRO A 137 -8.28 -32.82 -20.62
CA PRO A 137 -7.22 -33.39 -21.43
C PRO A 137 -6.16 -32.31 -21.70
N GLY A 138 -4.89 -32.69 -21.76
CA GLY A 138 -3.78 -31.80 -22.14
C GLY A 138 -3.38 -30.87 -21.02
N ALA A 139 -3.88 -31.14 -19.82
CA ALA A 139 -3.51 -30.45 -18.56
C ALA A 139 -2.00 -30.62 -18.29
N TYR A 140 -1.55 -31.86 -18.25
CA TYR A 140 -0.12 -32.26 -18.07
C TYR A 140 0.72 -31.40 -19.02
N GLU A 141 0.34 -31.36 -20.29
CA GLU A 141 1.19 -30.79 -21.37
C GLU A 141 1.19 -29.27 -21.23
N GLN A 142 0.00 -28.69 -21.01
CA GLN A 142 -0.23 -27.24 -20.74
C GLN A 142 0.74 -26.77 -19.65
N LEU A 143 0.63 -27.37 -18.46
CA LEU A 143 1.48 -27.00 -17.29
C LEU A 143 2.97 -27.21 -17.66
N LYS A 144 3.28 -28.34 -18.30
CA LYS A 144 4.63 -28.69 -18.82
C LYS A 144 5.25 -27.48 -19.56
N ARG A 145 4.56 -26.97 -20.59
CA ARG A 145 4.98 -25.81 -21.41
C ARG A 145 5.35 -24.65 -20.47
N LEU A 146 4.38 -24.17 -19.70
CA LEU A 146 4.50 -22.97 -18.81
C LEU A 146 5.66 -23.14 -17.83
N ALA A 147 5.92 -24.36 -17.35
CA ALA A 147 6.95 -24.63 -16.32
C ALA A 147 8.34 -24.31 -16.88
N GLU A 148 8.66 -24.84 -18.06
CA GLU A 148 9.96 -24.61 -18.74
C GLU A 148 9.98 -23.17 -19.29
N GLU A 149 8.87 -22.72 -19.88
CA GLU A 149 8.65 -21.31 -20.32
C GLU A 149 8.95 -20.35 -19.17
N ALA A 150 8.67 -20.76 -17.92
CA ALA A 150 8.78 -19.92 -16.70
C ALA A 150 10.14 -20.16 -16.05
N GLY A 151 10.82 -21.21 -16.45
CA GLY A 151 12.10 -21.60 -15.84
C GLY A 151 11.89 -22.16 -14.45
N ALA A 152 10.92 -23.08 -14.31
CA ALA A 152 10.56 -23.78 -13.05
C ALA A 152 10.51 -25.28 -13.33
N MET A 153 10.93 -26.08 -12.34
CA MET A 153 10.85 -27.56 -12.41
C MET A 153 9.38 -27.98 -12.55
N PHE A 154 9.14 -29.24 -12.92
CA PHE A 154 7.78 -29.76 -13.19
C PHE A 154 7.68 -31.20 -12.70
N TYR A 155 6.45 -31.60 -12.38
CA TYR A 155 6.07 -32.99 -12.12
C TYR A 155 4.56 -33.10 -12.28
N GLY A 156 4.11 -34.13 -12.99
CA GLY A 156 2.69 -34.45 -13.21
C GLY A 156 2.47 -35.90 -13.60
N GLU A 157 1.22 -36.33 -13.53
CA GLU A 157 0.70 -37.62 -14.02
C GLU A 157 -0.69 -37.35 -14.60
N ARG A 158 -0.98 -37.85 -15.80
CA ARG A 158 -2.24 -37.62 -16.54
C ARG A 158 -3.37 -38.51 -15.98
N GLU A 159 -3.04 -39.52 -15.16
CA GLU A 159 -3.94 -40.61 -14.70
C GLU A 159 -3.58 -40.97 -13.27
N GLY A 160 -4.55 -41.27 -12.42
CA GLY A 160 -4.34 -41.79 -11.05
C GLY A 160 -5.22 -41.10 -10.01
N ASP A 161 -5.08 -41.50 -8.75
CA ASP A 161 -5.63 -40.77 -7.57
C ASP A 161 -5.00 -39.37 -7.54
N PRO A 162 -5.78 -38.30 -7.78
CA PRO A 162 -5.21 -36.94 -7.81
C PRO A 162 -4.43 -36.57 -6.53
N ALA A 163 -4.90 -37.02 -5.36
CA ALA A 163 -4.24 -36.77 -4.06
C ALA A 163 -2.83 -37.37 -4.08
N GLU A 164 -2.69 -38.60 -4.58
CA GLU A 164 -1.39 -39.32 -4.58
C GLU A 164 -0.50 -38.72 -5.67
N ILE A 165 -1.10 -38.23 -6.75
CA ILE A 165 -0.31 -37.56 -7.83
C ILE A 165 0.32 -36.31 -7.23
N ALA A 166 -0.49 -35.58 -6.47
CA ALA A 166 -0.11 -34.31 -5.83
C ALA A 166 0.94 -34.60 -4.75
N ARG A 167 0.72 -35.58 -3.88
CA ARG A 167 1.74 -35.96 -2.87
C ARG A 167 3.03 -36.35 -3.58
N ARG A 168 2.94 -37.05 -4.70
CA ARG A 168 4.16 -37.55 -5.39
C ARG A 168 4.91 -36.33 -5.93
N GLY A 169 4.20 -35.43 -6.64
CA GLY A 169 4.78 -34.21 -7.25
C GLY A 169 5.43 -33.30 -6.21
N LEU A 170 4.86 -33.28 -5.00
CA LEU A 170 5.39 -32.51 -3.87
C LEU A 170 6.72 -33.14 -3.46
N GLU A 171 6.74 -34.44 -3.21
CA GLU A 171 7.97 -35.14 -2.74
C GLU A 171 9.05 -34.97 -3.82
N ASP A 172 8.70 -35.11 -5.09
CA ASP A 172 9.70 -35.11 -6.19
C ASP A 172 10.47 -33.78 -6.17
N LEU A 173 9.71 -32.67 -6.08
CA LEU A 173 10.18 -31.27 -6.20
C LEU A 173 10.90 -30.82 -4.93
N LEU A 174 10.43 -31.23 -3.75
CA LEU A 174 11.18 -31.00 -2.50
C LEU A 174 12.56 -31.67 -2.59
N SER A 175 12.64 -32.89 -3.13
CA SER A 175 13.87 -33.71 -3.35
C SER A 175 14.87 -32.96 -4.21
N ARG A 176 14.37 -32.18 -5.18
CA ARG A 176 15.16 -31.42 -6.21
C ARG A 176 15.33 -29.97 -5.75
N GLY A 177 15.09 -29.70 -4.46
CA GLY A 177 15.34 -28.42 -3.75
C GLY A 177 14.37 -27.28 -4.13
N ALA A 178 13.15 -27.58 -4.57
CA ALA A 178 12.07 -26.58 -4.75
C ALA A 178 11.78 -25.91 -3.40
N GLU A 179 11.91 -24.58 -3.33
CA GLU A 179 11.61 -23.79 -2.10
C GLU A 179 10.12 -23.42 -2.09
N ILE A 180 9.51 -23.27 -3.27
CA ILE A 180 8.05 -23.05 -3.50
C ILE A 180 7.53 -24.14 -4.45
N VAL A 181 6.39 -24.74 -4.13
CA VAL A 181 5.66 -25.72 -4.98
C VAL A 181 4.23 -25.21 -5.18
N ILE A 182 3.82 -25.03 -6.43
CA ILE A 182 2.45 -24.62 -6.82
C ILE A 182 1.75 -25.87 -7.34
N VAL A 183 0.68 -26.28 -6.69
CA VAL A 183 -0.08 -27.48 -7.09
C VAL A 183 -1.29 -27.06 -7.93
N ASP A 184 -1.21 -27.18 -9.27
CA ASP A 184 -2.36 -26.93 -10.19
C ASP A 184 -3.40 -28.04 -10.01
N THR A 185 -4.68 -27.72 -10.16
CA THR A 185 -5.83 -28.62 -9.90
C THR A 185 -6.82 -28.57 -11.06
N ALA A 186 -7.70 -29.57 -11.13
CA ALA A 186 -8.90 -29.56 -12.00
C ALA A 186 -9.86 -28.43 -11.56
N GLY A 187 -10.66 -27.92 -12.51
CA GLY A 187 -11.78 -27.00 -12.25
C GLY A 187 -13.14 -27.59 -12.64
N ARG A 188 -13.18 -28.90 -12.90
CA ARG A 188 -14.41 -29.67 -13.27
C ARG A 188 -14.11 -31.15 -13.05
N HIS A 189 -15.05 -31.88 -12.44
CA HIS A 189 -14.96 -33.34 -12.18
C HIS A 189 -15.82 -34.11 -13.18
N GLY A 190 -15.33 -34.28 -14.42
CA GLY A 190 -16.01 -34.99 -15.52
C GLY A 190 -17.04 -34.13 -16.23
N HIS A 191 -18.31 -34.52 -16.15
CA HIS A 191 -19.49 -33.81 -16.73
C HIS A 191 -19.66 -32.43 -16.07
N GLY A 192 -19.70 -32.38 -14.74
CA GLY A 192 -19.89 -31.15 -13.95
C GLY A 192 -20.51 -31.43 -12.59
N GLU A 193 -20.13 -32.56 -11.96
CA GLU A 193 -20.46 -32.89 -10.56
C GLU A 193 -19.46 -32.12 -9.67
N GLU A 194 -19.79 -30.86 -9.36
CA GLU A 194 -18.96 -29.87 -8.62
C GLU A 194 -18.64 -30.39 -7.20
N ALA A 195 -19.41 -31.33 -6.67
CA ALA A 195 -19.31 -31.79 -5.27
C ALA A 195 -18.33 -32.94 -5.19
N ARG A 196 -17.93 -33.51 -6.34
CA ARG A 196 -16.83 -34.50 -6.37
C ARG A 196 -15.52 -33.70 -6.46
N LEU A 197 -15.52 -32.64 -7.26
CA LEU A 197 -14.43 -31.63 -7.36
C LEU A 197 -14.05 -31.11 -5.96
N LEU A 198 -15.03 -30.71 -5.15
CA LEU A 198 -14.79 -30.21 -3.76
C LEU A 198 -14.12 -31.32 -2.95
N ASP A 199 -14.64 -32.54 -3.03
CA ASP A 199 -14.09 -33.68 -2.26
C ASP A 199 -12.68 -33.99 -2.78
N GLU A 200 -12.40 -33.66 -4.04
CA GLU A 200 -11.06 -33.91 -4.64
C GLU A 200 -10.02 -32.93 -4.05
N MET A 201 -10.39 -31.64 -3.98
CA MET A 201 -9.58 -30.52 -3.41
C MET A 201 -9.27 -30.83 -1.93
N LYS A 202 -10.31 -31.14 -1.16
CA LYS A 202 -10.21 -31.51 0.28
C LYS A 202 -9.25 -32.69 0.48
N ALA A 203 -9.21 -33.62 -0.47
CA ALA A 203 -8.41 -34.87 -0.36
C ALA A 203 -6.96 -34.53 -0.71
N ILE A 204 -6.76 -33.88 -1.86
CA ILE A 204 -5.45 -33.33 -2.29
C ILE A 204 -4.88 -32.52 -1.12
N ALA A 205 -5.69 -31.63 -0.57
CA ALA A 205 -5.26 -30.72 0.53
C ALA A 205 -4.75 -31.56 1.69
N SER A 206 -5.45 -32.65 2.03
CA SER A 206 -5.12 -33.49 3.20
C SER A 206 -3.76 -34.16 3.00
N LYS A 207 -3.51 -34.70 1.81
CA LYS A 207 -2.21 -35.36 1.47
C LYS A 207 -1.09 -34.32 1.39
N VAL A 208 -1.38 -33.12 0.86
CA VAL A 208 -0.34 -32.14 0.47
C VAL A 208 0.03 -31.25 1.66
N ARG A 209 -0.93 -30.89 2.52
CA ARG A 209 -0.79 -29.93 3.64
C ARG A 209 -0.34 -28.56 3.13
N PRO A 210 -1.17 -27.86 2.32
CA PRO A 210 -0.72 -26.62 1.69
C PRO A 210 -0.59 -25.46 2.70
N ASP A 211 0.42 -24.62 2.48
CA ASP A 211 0.73 -23.45 3.34
C ASP A 211 -0.22 -22.29 2.97
N GLU A 212 -0.74 -22.29 1.73
CA GLU A 212 -1.56 -21.22 1.14
C GLU A 212 -2.49 -21.87 0.11
N VAL A 213 -3.79 -21.94 0.38
CA VAL A 213 -4.80 -22.32 -0.67
C VAL A 213 -5.22 -21.03 -1.37
N ALA A 214 -4.94 -20.90 -2.66
CA ALA A 214 -5.30 -19.71 -3.45
C ALA A 214 -6.55 -20.05 -4.27
N LEU A 215 -7.61 -19.27 -4.10
CA LEU A 215 -8.80 -19.31 -4.99
C LEU A 215 -8.50 -18.46 -6.22
N VAL A 216 -8.52 -19.06 -7.40
CA VAL A 216 -8.30 -18.32 -8.67
C VAL A 216 -9.67 -18.06 -9.28
N ILE A 217 -9.99 -16.77 -9.47
CA ILE A 217 -11.32 -16.29 -9.96
C ILE A 217 -11.07 -15.32 -11.10
N ASP A 218 -12.00 -15.31 -12.05
CA ASP A 218 -12.01 -14.35 -13.18
C ASP A 218 -12.75 -13.07 -12.72
N ALA A 219 -12.39 -11.92 -13.26
CA ALA A 219 -13.12 -10.63 -13.08
C ALA A 219 -14.39 -10.63 -13.93
N SER A 220 -15.31 -11.59 -13.72
CA SER A 220 -16.57 -11.69 -14.50
C SER A 220 -17.66 -12.37 -13.66
N ILE A 221 -17.54 -12.33 -12.33
CA ILE A 221 -18.59 -12.89 -11.42
C ILE A 221 -18.81 -11.89 -10.27
N GLY A 222 -19.25 -10.69 -10.62
CA GLY A 222 -19.53 -9.63 -9.63
C GLY A 222 -20.45 -10.17 -8.55
N GLN A 223 -21.61 -10.69 -8.97
CA GLN A 223 -22.73 -11.08 -8.08
C GLN A 223 -22.55 -12.54 -7.64
N LYS A 224 -21.87 -13.36 -8.45
CA LYS A 224 -21.72 -14.82 -8.23
C LYS A 224 -20.43 -15.12 -7.45
N ALA A 225 -19.67 -14.08 -7.07
CA ALA A 225 -18.38 -14.20 -6.35
C ALA A 225 -18.62 -14.60 -4.89
N MET A 226 -19.78 -14.25 -4.34
CA MET A 226 -20.16 -14.59 -2.94
C MET A 226 -20.18 -16.11 -2.78
N GLY A 227 -20.96 -16.79 -3.63
CA GLY A 227 -21.27 -18.23 -3.52
C GLY A 227 -20.04 -19.09 -3.76
N LEU A 228 -19.45 -18.93 -4.95
CA LEU A 228 -18.19 -19.60 -5.39
C LEU A 228 -17.19 -19.69 -4.22
N ALA A 229 -16.94 -18.55 -3.55
CA ALA A 229 -16.00 -18.41 -2.43
C ALA A 229 -16.44 -19.31 -1.26
N GLU A 230 -17.73 -19.27 -0.88
CA GLU A 230 -18.30 -20.10 0.24
C GLU A 230 -18.04 -21.57 -0.05
N ARG A 231 -18.39 -22.02 -1.24
CA ARG A 231 -18.24 -23.43 -1.64
C ARG A 231 -16.78 -23.87 -1.47
N PHE A 232 -15.85 -23.15 -2.08
CA PHE A 232 -14.42 -23.55 -2.11
C PHE A 232 -13.81 -23.38 -0.71
N HIS A 233 -14.26 -22.38 0.03
CA HIS A 233 -13.75 -22.06 1.39
C HIS A 233 -14.12 -23.18 2.36
N LYS A 234 -15.21 -23.90 2.09
CA LYS A 234 -15.72 -24.99 2.96
C LYS A 234 -14.72 -26.15 2.88
N SER A 235 -14.37 -26.57 1.66
CA SER A 235 -13.54 -27.77 1.37
C SER A 235 -12.07 -27.50 1.71
N THR A 236 -11.54 -26.37 1.25
CA THR A 236 -10.14 -25.93 1.45
C THR A 236 -10.17 -24.46 1.86
N PRO A 237 -10.21 -24.16 3.19
CA PRO A 237 -10.14 -22.78 3.68
C PRO A 237 -9.20 -21.90 2.85
N ILE A 238 -9.77 -20.87 2.19
CA ILE A 238 -9.01 -19.94 1.32
C ILE A 238 -8.12 -19.03 2.16
N GLY A 239 -6.88 -18.82 1.70
CA GLY A 239 -5.88 -17.95 2.34
C GLY A 239 -5.44 -16.87 1.37
N SER A 240 -5.65 -17.10 0.07
CA SER A 240 -5.30 -16.12 -1.00
C SER A 240 -6.46 -16.01 -2.00
N ILE A 241 -6.55 -14.87 -2.70
CA ILE A 241 -7.40 -14.72 -3.91
C ILE A 241 -6.54 -14.10 -5.01
N ILE A 242 -6.64 -14.67 -6.20
CA ILE A 242 -5.92 -14.19 -7.39
C ILE A 242 -7.00 -13.90 -8.41
N VAL A 243 -7.01 -12.71 -9.00
CA VAL A 243 -8.11 -12.29 -9.91
C VAL A 243 -7.54 -12.19 -11.33
N THR A 244 -8.10 -13.00 -12.24
CA THR A 244 -7.67 -13.15 -13.65
C THR A 244 -8.58 -12.34 -14.59
N LYS A 245 -8.10 -12.02 -15.79
CA LYS A 245 -8.87 -11.37 -16.89
C LYS A 245 -9.24 -9.94 -16.47
N MET A 246 -8.22 -9.16 -16.09
CA MET A 246 -8.27 -7.69 -15.86
C MET A 246 -7.63 -7.01 -17.08
N ASP A 247 -8.09 -7.39 -18.28
CA ASP A 247 -7.70 -6.82 -19.60
C ASP A 247 -8.93 -6.63 -20.49
N GLY A 248 -8.79 -5.75 -21.49
CA GLY A 248 -9.89 -5.25 -22.34
C GLY A 248 -11.02 -4.67 -21.51
N THR A 249 -12.26 -5.00 -21.90
CA THR A 249 -13.49 -4.88 -21.07
C THR A 249 -13.25 -5.46 -19.67
N ALA A 250 -13.07 -4.60 -18.66
CA ALA A 250 -12.70 -4.98 -17.28
C ALA A 250 -13.94 -5.05 -16.38
N ARG A 251 -13.76 -5.57 -15.16
CA ARG A 251 -14.77 -5.65 -14.06
C ARG A 251 -14.00 -5.61 -12.72
N GLY A 252 -14.08 -6.66 -11.89
CA GLY A 252 -13.20 -6.83 -10.73
C GLY A 252 -13.91 -6.62 -9.40
N GLY A 253 -14.92 -5.75 -9.35
CA GLY A 253 -15.58 -5.40 -8.09
C GLY A 253 -16.08 -6.62 -7.31
N GLY A 254 -16.27 -7.76 -8.00
CA GLY A 254 -16.66 -9.04 -7.40
C GLY A 254 -15.53 -9.67 -6.60
N ALA A 255 -14.30 -9.50 -7.06
CA ALA A 255 -13.08 -9.84 -6.29
C ALA A 255 -13.32 -9.50 -4.81
N LEU A 256 -13.61 -8.23 -4.49
CA LEU A 256 -13.55 -7.73 -3.10
C LEU A 256 -14.85 -8.09 -2.34
N THR A 257 -15.77 -8.81 -2.98
CA THR A 257 -16.91 -9.50 -2.33
C THR A 257 -16.41 -10.83 -1.76
N ALA A 258 -15.70 -11.62 -2.58
CA ALA A 258 -15.07 -12.91 -2.19
C ALA A 258 -13.99 -12.65 -1.12
N ALA A 259 -13.23 -11.56 -1.31
CA ALA A 259 -12.27 -11.03 -0.31
C ALA A 259 -12.93 -10.97 1.06
N ALA A 260 -14.10 -10.33 1.10
CA ALA A 260 -14.92 -10.13 2.33
C ALA A 260 -15.33 -11.48 2.93
N VAL A 261 -15.86 -12.39 2.11
CA VAL A 261 -16.55 -13.66 2.55
C VAL A 261 -15.55 -14.60 3.24
N THR A 262 -14.39 -14.81 2.65
CA THR A 262 -13.32 -15.70 3.17
C THR A 262 -12.39 -14.94 4.13
N GLY A 263 -12.48 -13.60 4.12
CA GLY A 263 -11.60 -12.67 4.88
C GLY A 263 -10.20 -12.67 4.30
N ALA A 264 -10.07 -13.07 3.02
CA ALA A 264 -8.80 -13.38 2.32
C ALA A 264 -8.35 -12.16 1.53
N ARG A 265 -7.05 -12.01 1.37
CA ARG A 265 -6.45 -10.87 0.67
C ARG A 265 -6.36 -11.25 -0.81
N ILE A 266 -6.48 -10.25 -1.66
CA ILE A 266 -6.19 -10.38 -3.10
C ILE A 266 -4.69 -10.16 -3.25
N LYS A 267 -3.94 -11.22 -3.57
CA LYS A 267 -2.46 -11.19 -3.60
C LYS A 267 -1.95 -10.85 -4.99
N PHE A 268 -2.69 -11.20 -6.04
CA PHE A 268 -2.19 -11.09 -7.45
C PHE A 268 -3.36 -10.83 -8.39
N ILE A 269 -3.07 -9.99 -9.40
CA ILE A 269 -4.03 -9.59 -10.47
C ILE A 269 -3.54 -10.23 -11.76
N GLY A 270 -4.46 -10.88 -12.48
CA GLY A 270 -4.24 -11.42 -13.83
C GLY A 270 -4.62 -10.38 -14.87
N THR A 271 -3.63 -9.84 -15.56
CA THR A 271 -3.83 -8.79 -16.60
C THR A 271 -3.16 -9.22 -17.91
N GLY A 272 -3.61 -10.34 -18.47
CA GLY A 272 -3.34 -10.74 -19.87
C GLY A 272 -3.10 -12.23 -20.01
N GLU A 273 -2.42 -12.62 -21.09
CA GLU A 273 -2.31 -14.02 -21.56
C GLU A 273 -0.87 -14.52 -21.44
N THR A 274 0.10 -13.61 -21.38
CA THR A 274 1.54 -13.96 -21.31
C THR A 274 1.89 -14.25 -19.85
N LEU A 275 2.88 -15.13 -19.67
CA LEU A 275 3.54 -15.47 -18.39
C LEU A 275 3.82 -14.20 -17.57
N GLY A 276 4.37 -13.17 -18.23
CA GLY A 276 4.79 -11.89 -17.61
C GLY A 276 3.62 -11.11 -17.03
N GLU A 277 2.46 -11.15 -17.69
CA GLU A 277 1.26 -10.36 -17.31
C GLU A 277 0.71 -10.83 -15.95
N LEU A 278 1.44 -10.58 -14.87
CA LEU A 278 0.95 -10.83 -13.48
C LEU A 278 1.72 -10.00 -12.44
N GLU A 279 1.05 -9.02 -11.82
CA GLU A 279 1.66 -8.17 -10.77
C GLU A 279 0.85 -8.33 -9.50
N PRO A 280 1.51 -8.21 -8.32
CA PRO A 280 0.79 -8.22 -7.05
C PRO A 280 -0.26 -7.10 -7.01
N PHE A 281 -1.22 -7.23 -6.11
CA PHE A 281 -2.32 -6.26 -5.90
C PHE A 281 -1.96 -5.48 -4.65
N ALA A 282 -1.54 -4.22 -4.82
CA ALA A 282 -1.31 -3.20 -3.76
C ALA A 282 -2.43 -2.17 -3.84
N PRO A 283 -3.45 -2.22 -2.95
CA PRO A 283 -4.55 -1.25 -2.94
C PRO A 283 -4.15 0.23 -3.02
N ARG A 284 -3.31 0.71 -2.11
CA ARG A 284 -2.69 2.07 -2.19
C ARG A 284 -2.41 2.43 -3.67
N ARG A 285 -1.83 1.52 -4.44
CA ARG A 285 -1.34 1.86 -5.80
C ARG A 285 -2.46 1.70 -6.84
N PHE A 286 -3.36 0.75 -6.61
CA PHE A 286 -4.41 0.38 -7.59
C PHE A 286 -5.41 1.53 -7.68
N VAL A 287 -5.95 1.92 -6.52
CA VAL A 287 -6.98 2.99 -6.40
C VAL A 287 -6.34 4.31 -6.87
N ALA A 288 -5.06 4.49 -6.59
CA ALA A 288 -4.28 5.63 -7.12
C ALA A 288 -4.39 5.71 -8.64
N ARG A 289 -4.55 4.57 -9.31
CA ARG A 289 -4.53 4.49 -10.79
C ARG A 289 -5.93 4.84 -11.29
N ILE A 290 -6.92 4.24 -10.64
CA ILE A 290 -8.38 4.52 -10.75
C ILE A 290 -8.58 6.04 -10.64
N LEU A 291 -8.12 6.64 -9.54
CA LEU A 291 -8.34 8.07 -9.20
C LEU A 291 -7.56 8.94 -10.18
N GLY A 292 -6.49 8.42 -10.77
CA GLY A 292 -5.59 9.18 -11.65
C GLY A 292 -4.26 9.41 -10.97
N MET A 293 -3.28 8.54 -11.30
CA MET A 293 -1.96 8.39 -10.64
C MET A 293 -1.24 9.75 -10.63
N GLY A 294 -1.26 10.48 -11.75
CA GLY A 294 -0.66 11.83 -11.87
C GLY A 294 -1.19 12.81 -10.81
N ASP A 295 -2.46 13.20 -10.94
CA ASP A 295 -3.19 14.06 -9.96
C ASP A 295 -2.92 13.57 -8.54
N LEU A 296 -3.27 12.32 -8.24
CA LEU A 296 -3.35 11.85 -6.83
C LEU A 296 -2.01 12.06 -6.13
N GLU A 297 -0.88 11.76 -6.77
CA GLU A 297 0.44 11.87 -6.09
C GLU A 297 0.82 13.36 -6.02
N SER A 298 0.47 14.15 -7.03
CA SER A 298 0.60 15.64 -7.00
C SER A 298 -0.13 16.18 -5.75
N LEU A 299 -1.36 15.71 -5.53
CA LEU A 299 -2.29 16.22 -4.48
C LEU A 299 -1.76 15.84 -3.09
N LEU A 300 -1.18 14.65 -2.91
CA LEU A 300 -0.73 14.20 -1.57
C LEU A 300 0.53 14.96 -1.17
N GLU A 301 1.39 15.34 -2.13
CA GLU A 301 2.58 16.20 -1.86
C GLU A 301 2.09 17.65 -1.64
N ARG A 302 1.31 18.20 -2.56
CA ARG A 302 0.63 19.52 -2.43
C ARG A 302 0.09 19.71 -1.00
N ILE A 303 -0.40 18.64 -0.34
CA ILE A 303 -0.90 18.65 1.06
C ILE A 303 0.28 18.58 2.04
N LYS A 304 1.21 17.64 1.87
CA LYS A 304 2.34 17.40 2.83
C LYS A 304 3.29 18.63 2.88
N SER A 305 3.58 19.29 1.75
CA SER A 305 4.28 20.61 1.74
C SER A 305 3.62 21.51 2.78
N LEU A 306 2.32 21.77 2.61
CA LEU A 306 1.50 22.71 3.44
C LEU A 306 1.55 22.32 4.92
N GLU A 307 1.51 21.03 5.26
CA GLU A 307 1.57 20.56 6.67
C GLU A 307 2.97 20.79 7.21
N GLU A 308 3.98 20.77 6.34
CA GLU A 308 5.39 21.07 6.71
C GLU A 308 5.47 22.58 7.03
N ALA A 309 5.19 23.43 6.02
CA ALA A 309 5.14 24.92 6.12
C ALA A 309 4.34 25.38 7.36
N GLY A 310 3.24 24.68 7.70
CA GLY A 310 2.44 24.93 8.92
C GLY A 310 3.25 24.76 10.20
N GLU A 311 4.10 23.72 10.27
CA GLU A 311 5.05 23.51 11.39
C GLU A 311 6.06 24.67 11.41
N LEU A 312 6.60 25.05 10.25
CA LEU A 312 7.51 26.22 10.15
C LEU A 312 6.75 27.50 10.54
N ASP A 313 5.52 27.65 10.05
CA ASP A 313 4.60 28.77 10.39
C ASP A 313 4.58 28.99 11.90
N ARG A 314 4.24 27.93 12.65
CA ARG A 314 4.15 27.98 14.13
C ARG A 314 5.54 28.28 14.71
N ALA A 315 6.59 27.66 14.16
CA ALA A 315 7.98 27.77 14.68
C ALA A 315 8.47 29.21 14.57
N ALA A 316 8.28 29.84 13.40
CA ALA A 316 8.56 31.28 13.15
C ALA A 316 7.62 32.12 14.03
N GLU A 317 6.32 31.87 13.95
CA GLU A 317 5.30 32.60 14.74
C GLU A 317 5.70 32.54 16.23
N ASP A 318 6.08 31.37 16.74
CA ASP A 318 6.42 31.12 18.18
C ASP A 318 7.68 31.89 18.55
N VAL A 319 8.55 32.20 17.60
CA VAL A 319 9.74 33.07 17.83
C VAL A 319 9.24 34.51 17.90
N LEU A 320 8.52 34.98 16.87
CA LEU A 320 8.06 36.38 16.69
C LEU A 320 7.17 36.81 17.86
N LYS A 321 6.47 35.88 18.51
CA LYS A 321 5.73 36.14 19.77
C LYS A 321 6.67 35.91 20.96
N GLY A 322 7.98 35.73 20.70
CA GLY A 322 9.09 35.75 21.67
C GLY A 322 9.18 34.50 22.53
N ARG A 323 8.53 33.40 22.14
CA ARG A 323 8.32 32.18 22.97
C ARG A 323 9.42 31.15 22.69
N ILE A 324 10.53 31.55 22.05
CA ILE A 324 11.61 30.63 21.58
C ILE A 324 12.13 29.78 22.75
N THR A 325 12.34 28.48 22.48
CA THR A 325 12.90 27.44 23.38
C THR A 325 13.63 26.36 22.57
N MET A 326 14.25 25.38 23.25
CA MET A 326 14.94 24.26 22.59
C MET A 326 13.91 23.40 21.83
N ARG A 327 12.67 23.34 22.31
CA ARG A 327 11.59 22.54 21.69
C ARG A 327 11.09 23.27 20.45
N THR A 328 11.04 24.60 20.50
CA THR A 328 10.66 25.45 19.34
C THR A 328 11.68 25.24 18.24
N ILE A 329 12.96 25.42 18.58
CA ILE A 329 14.12 25.28 17.64
C ILE A 329 14.15 23.84 17.09
N TYR A 330 13.96 22.84 17.95
CA TYR A 330 13.95 21.44 17.51
C TYR A 330 12.85 21.22 16.46
N ARG A 331 11.65 21.78 16.67
CA ARG A 331 10.48 21.61 15.77
C ARG A 331 10.75 22.43 14.50
N GLN A 332 11.35 23.61 14.68
CA GLN A 332 11.76 24.53 13.59
C GLN A 332 12.74 23.80 12.66
N LEU A 333 13.79 23.17 13.20
CA LEU A 333 14.84 22.48 12.40
C LEU A 333 14.18 21.31 11.66
N ARG A 334 13.49 20.42 12.38
CA ARG A 334 12.77 19.28 11.77
C ARG A 334 11.99 19.77 10.55
N ALA A 335 11.21 20.83 10.73
CA ALA A 335 10.35 21.45 9.68
C ALA A 335 11.21 21.90 8.50
N MET A 336 12.27 22.67 8.77
CA MET A 336 13.18 23.24 7.74
C MET A 336 13.87 22.11 6.95
N ARG A 337 14.44 21.13 7.67
CA ARG A 337 15.10 19.95 7.06
C ARG A 337 14.21 19.33 5.97
N LYS A 338 13.13 18.63 6.32
CA LYS A 338 12.17 18.12 5.31
C LYS A 338 11.35 19.31 4.81
N LEU A 339 11.91 20.02 3.83
CA LEU A 339 11.29 21.18 3.13
C LEU A 339 12.23 21.64 2.01
N GLY A 340 13.47 22.02 2.35
CA GLY A 340 14.53 22.33 1.37
C GLY A 340 15.26 23.64 1.69
N PRO A 341 15.52 24.51 0.69
CA PRO A 341 16.13 25.82 0.91
C PRO A 341 15.10 26.96 1.01
N LEU A 342 13.91 26.65 1.53
CA LEU A 342 12.72 27.55 1.64
C LEU A 342 12.16 27.86 0.25
N GLY A 343 11.15 28.74 0.18
CA GLY A 343 10.35 29.05 -1.02
C GLY A 343 10.66 30.42 -1.60
N LYS A 344 9.86 30.82 -2.59
CA LYS A 344 10.09 31.97 -3.52
C LYS A 344 8.88 32.04 -4.46
N VAL A 345 8.51 30.87 -5.00
CA VAL A 345 7.29 30.62 -5.81
C VAL A 345 6.07 30.56 -4.86
N LEU A 346 6.10 29.71 -3.84
CA LEU A 346 5.00 29.51 -2.85
C LEU A 346 5.59 29.52 -1.43
N GLN A 347 6.47 30.50 -1.14
CA GLN A 347 6.95 30.87 0.22
C GLN A 347 5.73 30.97 1.16
N MET A 348 4.75 31.82 0.79
CA MET A 348 3.44 32.09 1.47
C MET A 348 3.49 31.75 2.95
N LEU A 349 4.30 32.49 3.74
CA LEU A 349 4.47 32.28 5.21
C LEU A 349 4.48 33.63 5.93
N PRO A 350 3.54 33.91 6.86
CA PRO A 350 3.58 35.14 7.67
C PRO A 350 4.87 35.25 8.48
N GLY A 351 5.06 34.36 9.46
CA GLY A 351 6.22 34.31 10.36
C GLY A 351 7.52 34.27 9.57
N ALA A 352 7.75 33.18 8.82
CA ALA A 352 9.02 32.86 8.12
C ALA A 352 9.46 33.99 7.18
N SER A 353 8.52 34.69 6.53
CA SER A 353 8.78 35.88 5.68
C SER A 353 9.49 36.93 6.52
N MET A 354 8.84 37.36 7.61
CA MET A 354 9.29 38.47 8.49
C MET A 354 10.45 38.01 9.39
N LEU A 355 10.50 36.72 9.76
CA LEU A 355 11.57 36.12 10.61
C LEU A 355 12.91 36.33 9.92
N ALA A 356 12.99 35.98 8.63
CA ALA A 356 14.19 36.14 7.76
C ALA A 356 14.44 37.62 7.46
N SER A 357 13.39 38.48 7.50
CA SER A 357 13.45 39.95 7.21
C SER A 357 14.03 40.73 8.41
N ILE A 358 14.30 40.08 9.55
CA ILE A 358 15.05 40.66 10.72
C ILE A 358 16.46 40.04 10.74
N ASP A 359 16.55 38.70 10.81
CA ASP A 359 17.82 37.93 10.74
C ASP A 359 17.77 36.97 9.54
N GLU A 360 18.43 37.35 8.44
CA GLU A 360 18.55 36.55 7.18
C GLU A 360 19.15 35.17 7.49
N GLY A 361 20.09 35.11 8.44
CA GLY A 361 20.87 33.90 8.80
C GLY A 361 20.18 33.05 9.85
N ALA A 362 18.87 33.26 10.07
CA ALA A 362 18.00 32.44 10.95
C ALA A 362 17.42 31.26 10.15
N LEU A 363 16.94 31.51 8.92
CA LEU A 363 16.37 30.47 8.01
C LEU A 363 17.37 30.15 6.88
N LYS A 364 18.67 30.24 7.16
CA LYS A 364 19.77 29.95 6.20
C LYS A 364 20.84 29.08 6.91
N LEU A 365 20.41 27.95 7.46
CA LEU A 365 21.31 26.94 8.06
C LEU A 365 21.45 25.84 7.00
N GLY A 366 22.56 25.09 6.98
CA GLY A 366 22.77 23.94 6.07
C GLY A 366 21.82 22.79 6.41
N GLU A 367 21.93 21.65 5.74
CA GLU A 367 21.23 20.43 6.21
C GLU A 367 22.00 19.93 7.43
N GLU A 368 23.32 19.73 7.28
CA GLU A 368 24.18 19.12 8.32
C GLU A 368 24.08 19.94 9.60
N LYS A 369 24.07 21.27 9.51
CA LYS A 369 24.11 22.17 10.71
C LYS A 369 22.82 21.99 11.52
N MET A 370 21.69 21.85 10.82
CA MET A 370 20.37 21.51 11.44
C MET A 370 20.44 20.10 12.03
N LYS A 371 21.01 19.13 11.30
CA LYS A 371 21.05 17.69 11.72
C LYS A 371 21.91 17.55 12.98
N ARG A 372 22.96 18.36 13.10
CA ARG A 372 23.90 18.32 14.26
C ARG A 372 23.18 18.94 15.45
N TRP A 373 22.54 20.08 15.21
CA TRP A 373 21.78 20.84 16.24
C TRP A 373 20.68 19.97 16.81
N MET A 374 20.02 19.16 15.97
CA MET A 374 18.92 18.26 16.41
C MET A 374 19.52 17.16 17.32
N ALA A 375 20.66 16.58 16.94
CA ALA A 375 21.37 15.53 17.74
C ALA A 375 21.72 16.09 19.11
N ILE A 376 22.26 17.32 19.11
CA ILE A 376 22.63 18.12 20.32
C ILE A 376 21.43 18.18 21.26
N ILE A 377 20.29 18.69 20.80
CA ILE A 377 19.05 18.90 21.60
C ILE A 377 18.62 17.55 22.16
N GLU A 378 18.69 16.50 21.35
CA GLU A 378 18.25 15.14 21.76
C GLU A 378 19.09 14.65 22.95
N SER A 379 20.32 15.16 23.14
CA SER A 379 21.28 14.72 24.19
C SER A 379 21.18 15.59 25.45
N MET A 380 20.59 16.78 25.36
CA MET A 380 20.29 17.64 26.53
C MET A 380 19.28 16.94 27.45
N THR A 381 19.42 17.05 28.77
CA THR A 381 18.43 16.56 29.77
C THR A 381 17.12 17.31 29.60
N TYR A 382 16.03 16.77 30.13
CA TYR A 382 14.72 17.45 30.14
C TYR A 382 14.83 18.79 30.87
N GLU A 383 15.65 18.84 31.91
CA GLU A 383 15.90 20.07 32.71
C GLU A 383 16.66 21.07 31.84
N GLU A 384 17.72 20.61 31.17
CA GLU A 384 18.42 21.42 30.14
C GLU A 384 17.45 21.89 29.07
N LEU A 385 16.60 21.02 28.52
CA LEU A 385 15.64 21.45 27.45
C LEU A 385 14.87 22.67 27.95
N ASP A 386 14.55 22.69 29.24
CA ASP A 386 13.65 23.70 29.85
C ASP A 386 14.44 24.99 30.10
N ARG A 387 15.65 24.83 30.63
CA ARG A 387 16.52 25.92 31.09
C ARG A 387 17.89 25.73 30.44
N PRO A 388 18.07 26.10 29.16
CA PRO A 388 19.35 25.88 28.50
C PRO A 388 20.47 26.78 29.03
N GLU A 389 20.12 27.83 29.79
CA GLU A 389 21.06 28.78 30.47
C GLU A 389 21.84 28.07 31.57
N ILE A 390 21.29 26.98 32.11
CA ILE A 390 21.93 26.07 33.11
C ILE A 390 23.19 25.46 32.52
N ILE A 391 23.26 25.34 31.19
CA ILE A 391 24.35 24.61 30.45
C ILE A 391 25.67 25.36 30.64
N ASP A 392 26.51 24.86 31.55
CA ASP A 392 27.89 25.32 31.85
C ASP A 392 28.84 24.59 30.91
N LYS A 393 30.12 24.47 31.30
CA LYS A 393 31.20 23.85 30.49
C LYS A 393 31.11 22.33 30.58
N ARG A 394 30.86 21.81 31.80
CA ARG A 394 30.72 20.37 32.12
C ARG A 394 29.56 19.76 31.31
N ARG A 395 28.39 20.43 31.33
CA ARG A 395 27.19 20.01 30.58
C ARG A 395 27.50 20.09 29.09
N MET A 396 28.01 21.24 28.63
CA MET A 396 28.36 21.51 27.22
C MET A 396 29.18 20.34 26.69
N ARG A 397 30.14 19.91 27.50
CA ARG A 397 31.04 18.74 27.24
C ARG A 397 30.18 17.47 27.15
N ARG A 398 29.41 17.12 28.18
CA ARG A 398 28.60 15.88 28.21
C ARG A 398 27.73 15.82 26.95
N ILE A 399 27.17 16.98 26.55
CA ILE A 399 26.23 17.10 25.41
C ILE A 399 26.98 16.72 24.12
N ALA A 400 28.16 17.29 23.91
CA ALA A 400 29.04 17.03 22.74
C ALA A 400 29.30 15.53 22.54
N ILE A 401 29.56 14.78 23.62
CA ILE A 401 29.89 13.31 23.60
C ILE A 401 28.67 12.53 23.12
N GLY A 402 27.55 12.67 23.82
CA GLY A 402 26.31 11.93 23.56
C GLY A 402 25.88 12.05 22.11
N SER A 403 26.18 13.18 21.45
CA SER A 403 25.66 13.51 20.09
C SER A 403 26.78 13.66 19.05
N GLY A 404 28.00 13.22 19.33
CA GLY A 404 29.12 13.18 18.36
C GLY A 404 29.40 14.55 17.75
N THR A 405 29.65 15.55 18.58
CA THR A 405 29.79 16.97 18.15
C THR A 405 30.84 17.71 18.98
N SER A 406 31.17 18.94 18.57
CA SER A 406 32.19 19.81 19.23
C SER A 406 31.55 20.60 20.38
N VAL A 407 32.32 20.78 21.44
CA VAL A 407 31.94 21.60 22.63
C VAL A 407 31.62 23.02 22.14
N ASP A 408 32.17 23.42 20.99
CA ASP A 408 31.90 24.73 20.33
C ASP A 408 30.59 24.66 19.53
N ASP A 409 30.21 23.48 19.00
CA ASP A 409 28.96 23.29 18.24
C ASP A 409 27.76 23.60 19.14
N VAL A 410 27.75 22.98 20.33
CA VAL A 410 26.72 23.23 21.38
C VAL A 410 26.78 24.70 21.81
N ARG A 411 27.88 25.42 21.58
CA ARG A 411 27.95 26.91 21.75
C ARG A 411 27.22 27.63 20.60
N GLU A 412 27.36 27.17 19.35
CA GLU A 412 26.75 27.83 18.17
C GLU A 412 25.22 27.87 18.35
N LEU A 413 24.60 26.71 18.63
CA LEU A 413 23.14 26.58 18.88
C LEU A 413 22.78 27.55 19.99
N LEU A 414 23.50 27.43 21.11
CA LEU A 414 23.23 28.22 22.33
C LEU A 414 23.16 29.70 21.95
N VAL A 415 24.16 30.21 21.22
CA VAL A 415 24.20 31.64 20.76
C VAL A 415 22.94 31.89 19.91
N TYR A 416 22.65 30.96 18.99
CA TYR A 416 21.50 31.03 18.04
C TYR A 416 20.23 31.26 18.84
N TYR A 417 20.00 30.36 19.80
CA TYR A 417 18.92 30.49 20.80
C TYR A 417 18.95 31.92 21.35
N LYS A 418 20.05 32.32 22.03
CA LYS A 418 20.15 33.66 22.69
C LYS A 418 19.94 34.75 21.64
N ASN A 419 20.59 34.64 20.49
CA ASN A 419 20.62 35.71 19.46
C ASN A 419 19.19 35.91 18.94
N LEU A 420 18.48 34.82 18.62
CA LEU A 420 17.06 34.91 18.19
C LEU A 420 16.29 35.60 19.30
N LYS A 421 16.45 35.15 20.54
CA LYS A 421 15.64 35.57 21.71
C LYS A 421 15.78 37.08 21.97
N THR A 422 16.99 37.63 21.80
CA THR A 422 17.33 39.07 21.94
C THR A 422 16.46 39.87 20.96
N MET A 423 16.61 39.61 19.66
CA MET A 423 16.02 40.41 18.56
C MET A 423 14.53 40.70 18.82
N MET A 424 13.77 39.69 19.25
CA MET A 424 12.28 39.74 19.36
C MET A 424 11.87 40.46 20.65
N LYS A 425 12.82 41.12 21.33
CA LYS A 425 12.56 42.04 22.47
C LYS A 425 12.36 43.47 21.95
N LYS A 426 12.80 43.77 20.71
CA LYS A 426 12.64 45.09 20.02
C LYS A 426 13.58 46.12 20.67
N LEU A 427 13.40 47.41 20.34
CA LEU A 427 14.19 48.56 20.87
C LEU A 427 13.23 49.70 21.23
#